data_6VFQ
#
_entry.id   6VFQ
#
_cell.length_a   26.373
_cell.length_b   78.910
_cell.length_c   238.886
_cell.angle_alpha   90.000
_cell.angle_beta   90.000
_cell.angle_gamma   90.000
#
_symmetry.space_group_name_H-M   'P 21 21 21'
#
loop_
_entity.id
_entity.type
_entity.pdbx_description
1 polymer Protocadherin-10
2 branched 2-acetamido-2-deoxy-beta-D-glucopyranose-(1-4)-[alpha-L-fucopyranose-(1-6)]2-acetamido-2-deoxy-beta-D-glucopyranose
3 non-polymer 'CALCIUM ION'
4 non-polymer alpha-D-mannopyranose
5 non-polymer 'ACETATE ION'
6 non-polymer 1,2-ETHANEDIOL
7 water water
#
_entity_poly.entity_id   1
_entity_poly.type   'polypeptide(L)'
_entity_poly.pdbx_seq_one_letter_code
;SQLHYTVQEEQEHGTFVGNIAEDLGLDITKLSARGFQTVPNSRTPYLDLNLETGVLYVNEKIDREQICKQSPSCVLHLEV
FLENPLELFQVEIEVLDINDNPPSFPEPDLTVEISESATPGTRFPLESAFDPDVGTNSLRDYEITPNSYFSLDVQTQGDG
NRFAELVLEKPLDREQQAVHRYVLTAVDGGGGGGVGEGGGGGGGAGLPPQQQRTGTALLTIRVLDSNDNVPAFDQPVYTV
SLPENSPPGTLVIQLNATDPDEGQNGEVVYSFSSHISPRARELFGLSPRTGRLEVSGELDYEESPVYQVYVQAKDLGPNA
VPAHCKVLVRVLDANDNAPEISFSTVKEAVSEGAAPGTVVALFSVTDRDSEENGQVQCELLGDVPFRLKSSFKNYYTIVT
EAPLDREAGDSYTLTVVARDRGEPALSTSKSIQVQVSDHHHHHH
;
_entity_poly.pdbx_strand_id   A
#
# COMPACT_ATOMS: atom_id res chain seq x y z
N GLN A 2 12.78 7.33 -72.97
CA GLN A 2 13.23 7.23 -71.59
C GLN A 2 13.16 5.79 -71.07
N LEU A 3 14.31 5.10 -71.05
CA LEU A 3 14.36 3.71 -70.62
C LEU A 3 14.04 3.58 -69.13
N HIS A 4 13.45 2.43 -68.79
CA HIS A 4 13.06 2.10 -67.42
C HIS A 4 13.64 0.74 -67.06
N TYR A 5 14.44 0.71 -66.01
CA TYR A 5 14.96 -0.53 -65.45
C TYR A 5 14.62 -0.62 -63.97
N THR A 6 14.73 -1.83 -63.42
CA THR A 6 14.58 -2.07 -61.99
C THR A 6 15.79 -2.85 -61.48
N VAL A 7 16.13 -2.62 -60.22
CA VAL A 7 17.23 -3.32 -59.55
C VAL A 7 16.88 -3.49 -58.08
N GLN A 8 17.06 -4.69 -57.58
CA GLN A 8 16.98 -4.96 -56.16
C GLN A 8 18.07 -4.21 -55.42
N GLU A 9 17.72 -3.61 -54.29
CA GLU A 9 18.77 -3.04 -53.45
C GLU A 9 19.64 -4.17 -52.93
N GLU A 10 20.88 -3.83 -52.62
CA GLU A 10 21.84 -4.74 -52.02
C GLU A 10 22.33 -5.83 -52.99
N GLN A 11 22.27 -5.60 -54.30
CA GLN A 11 22.90 -6.50 -55.26
C GLN A 11 24.39 -6.23 -55.29
N GLU A 12 25.17 -7.30 -55.43
CA GLU A 12 26.62 -7.16 -55.44
C GLU A 12 27.08 -6.45 -56.71
N HIS A 13 28.25 -5.83 -56.61
CA HIS A 13 28.97 -5.29 -57.76
C HIS A 13 28.88 -6.22 -58.95
N GLY A 14 28.72 -5.64 -60.15
CA GLY A 14 28.72 -6.41 -61.38
C GLY A 14 27.39 -7.04 -61.75
N THR A 15 26.32 -6.77 -61.01
CA THR A 15 25.03 -7.32 -61.36
C THR A 15 24.45 -6.59 -62.57
N PHE A 16 23.85 -7.37 -63.49
CA PHE A 16 23.20 -6.81 -64.67
C PHE A 16 22.01 -5.94 -64.29
N VAL A 17 21.94 -4.73 -64.86
CA VAL A 17 20.82 -3.81 -64.62
C VAL A 17 19.97 -3.62 -65.87
N GLY A 18 20.62 -3.42 -67.02
CA GLY A 18 19.91 -3.13 -68.26
C GLY A 18 20.83 -3.04 -69.47
N ASN A 19 20.35 -3.40 -70.67
CA ASN A 19 21.15 -3.30 -71.88
C ASN A 19 20.70 -2.06 -72.64
N ILE A 20 21.45 -0.97 -72.45
CA ILE A 20 21.04 0.30 -73.02
C ILE A 20 21.18 0.29 -74.55
N ALA A 21 22.30 -0.24 -75.06
CA ALA A 21 22.51 -0.33 -76.51
C ALA A 21 21.35 -1.04 -77.20
N GLU A 22 21.02 -2.25 -76.74
CA GLU A 22 19.92 -3.01 -77.32
C GLU A 22 18.60 -2.24 -77.27
N ASP A 23 18.17 -1.86 -76.07
CA ASP A 23 16.85 -1.27 -75.92
C ASP A 23 16.73 0.04 -76.68
N LEU A 24 17.84 0.64 -77.12
CA LEU A 24 17.82 1.85 -77.94
C LEU A 24 18.06 1.59 -79.42
N GLY A 25 18.44 0.38 -79.81
CA GLY A 25 18.64 0.09 -81.21
C GLY A 25 19.99 0.47 -81.78
N LEU A 26 21.00 0.63 -80.92
CA LEU A 26 22.34 0.99 -81.33
C LEU A 26 23.19 -0.26 -81.49
N ASP A 27 23.82 -0.43 -82.63
CA ASP A 27 24.77 -1.53 -82.75
C ASP A 27 26.03 -1.17 -81.99
N ILE A 28 26.59 -2.17 -81.31
CA ILE A 28 27.77 -1.95 -80.50
C ILE A 28 28.97 -1.52 -81.34
N THR A 29 28.96 -1.83 -82.65
CA THR A 29 30.13 -1.56 -83.49
C THR A 29 30.30 -0.06 -83.75
N LYS A 30 29.22 0.71 -83.70
CA LYS A 30 29.28 2.15 -83.90
C LYS A 30 29.38 2.95 -82.60
N LEU A 31 29.27 2.31 -81.43
CA LEU A 31 29.22 3.06 -80.18
C LEU A 31 30.46 3.94 -80.00
N SER A 32 31.65 3.37 -80.25
CA SER A 32 32.88 4.13 -80.04
C SER A 32 32.92 5.37 -80.93
N ALA A 33 32.53 5.23 -82.19
CA ALA A 33 32.55 6.37 -83.10
C ALA A 33 31.62 7.48 -82.63
N ARG A 34 30.42 7.12 -82.18
CA ARG A 34 29.43 8.10 -81.79
C ARG A 34 29.74 8.76 -80.44
N GLY A 35 30.84 8.40 -79.79
CA GLY A 35 31.15 9.00 -78.49
C GLY A 35 30.15 8.66 -77.40
N PHE A 36 29.60 7.45 -77.43
CA PHE A 36 28.67 6.97 -76.41
C PHE A 36 29.23 7.21 -75.02
N GLN A 37 28.57 8.04 -74.24
CA GLN A 37 29.13 8.52 -72.98
C GLN A 37 28.02 8.87 -72.00
N THR A 38 28.37 8.93 -70.73
CA THR A 38 27.47 9.34 -69.66
C THR A 38 27.54 10.84 -69.47
N VAL A 39 26.38 11.48 -69.35
CA VAL A 39 26.32 12.92 -69.06
C VAL A 39 27.05 13.22 -67.76
N PRO A 40 27.91 14.24 -67.69
CA PRO A 40 28.63 14.54 -66.44
C PRO A 40 27.77 14.65 -65.17
N ASN A 41 26.66 15.37 -65.21
CA ASN A 41 25.89 15.59 -63.98
C ASN A 41 25.27 14.31 -63.44
N SER A 42 24.99 13.32 -64.30
CA SER A 42 24.20 12.17 -63.89
C SER A 42 25.05 10.96 -63.52
N ARG A 43 26.36 11.14 -63.40
CA ARG A 43 27.20 10.06 -62.92
C ARG A 43 26.80 9.69 -61.50
N THR A 44 26.89 8.40 -61.19
CA THR A 44 26.54 7.90 -59.87
C THR A 44 27.48 6.76 -59.49
N PRO A 45 27.96 6.71 -58.25
CA PRO A 45 28.85 5.60 -57.85
C PRO A 45 28.14 4.26 -57.82
N TYR A 46 26.84 4.23 -58.04
CA TYR A 46 26.08 2.99 -57.94
C TYR A 46 25.98 2.24 -59.26
N LEU A 47 26.33 2.87 -60.37
CA LEU A 47 26.11 2.28 -61.68
C LEU A 47 27.36 2.45 -62.54
N ASP A 48 27.77 1.35 -63.18
CA ASP A 48 28.82 1.36 -64.20
C ASP A 48 28.20 1.14 -65.57
N LEU A 49 28.59 1.95 -66.54
CA LEU A 49 28.13 1.79 -67.91
C LEU A 49 29.30 1.33 -68.77
N ASN A 50 29.21 0.12 -69.29
CA ASN A 50 30.21 -0.39 -70.23
C ASN A 50 29.98 0.26 -71.59
N LEU A 51 30.89 1.15 -71.99
CA LEU A 51 30.72 1.91 -73.22
C LEU A 51 30.97 1.09 -74.48
N GLU A 52 31.71 -0.02 -74.38
CA GLU A 52 31.91 -0.89 -75.54
C GLU A 52 30.69 -1.75 -75.83
N THR A 53 29.92 -2.12 -74.80
CA THR A 53 28.78 -3.01 -74.94
C THR A 53 27.43 -2.34 -74.75
N GLY A 54 27.39 -1.20 -74.07
CA GLY A 54 26.13 -0.54 -73.81
C GLY A 54 25.37 -1.13 -72.65
N VAL A 55 26.00 -1.95 -71.82
CA VAL A 55 25.33 -2.63 -70.72
C VAL A 55 25.59 -1.90 -69.40
N LEU A 56 24.54 -1.77 -68.60
CA LEU A 56 24.60 -1.16 -67.28
C LEU A 56 24.76 -2.23 -66.22
N TYR A 57 25.70 -2.02 -65.31
CA TYR A 57 25.94 -2.94 -64.21
C TYR A 57 25.91 -2.17 -62.89
N VAL A 58 25.48 -2.86 -61.82
CA VAL A 58 25.63 -2.32 -60.47
C VAL A 58 27.11 -2.12 -60.19
N ASN A 59 27.45 -0.95 -59.64
CA ASN A 59 28.83 -0.68 -59.25
C ASN A 59 28.96 -0.85 -57.74
N GLU A 60 28.74 0.23 -56.98
CA GLU A 60 28.66 0.11 -55.53
C GLU A 60 27.27 -0.38 -55.11
N LYS A 61 27.25 -1.30 -54.15
CA LYS A 61 25.99 -1.87 -53.69
C LYS A 61 25.04 -0.79 -53.20
N ILE A 62 23.77 -0.91 -53.58
CA ILE A 62 22.76 0.09 -53.28
C ILE A 62 22.03 -0.28 -52.01
N ASP A 63 22.10 0.59 -51.00
CA ASP A 63 21.25 0.50 -49.81
C ASP A 63 20.11 1.49 -49.98
N ARG A 64 18.93 0.98 -50.27
CA ARG A 64 17.78 1.85 -50.48
C ARG A 64 17.53 2.71 -49.26
N GLU A 65 17.68 2.15 -48.05
CA GLU A 65 17.39 2.93 -46.86
C GLU A 65 18.27 4.15 -46.78
N GLN A 66 19.45 4.10 -47.39
CA GLN A 66 20.37 5.22 -47.33
C GLN A 66 20.04 6.28 -48.37
N ILE A 67 19.89 5.87 -49.64
CA ILE A 67 19.66 6.86 -50.68
C ILE A 67 18.23 7.39 -50.64
N CYS A 68 17.27 6.59 -50.18
CA CYS A 68 15.85 6.96 -50.27
C CYS A 68 15.11 6.94 -48.94
N LYS A 69 15.76 6.60 -47.82
CA LYS A 69 15.14 6.70 -46.50
C LYS A 69 13.80 6.00 -46.57
N GLN A 70 12.70 6.64 -46.18
CA GLN A 70 11.38 6.01 -46.14
C GLN A 70 10.48 6.52 -47.27
N SER A 71 11.06 7.17 -48.28
CA SER A 71 10.30 7.49 -49.47
C SER A 71 9.64 6.23 -50.01
N PRO A 72 8.39 6.29 -50.46
CA PRO A 72 7.79 5.11 -51.09
C PRO A 72 8.36 4.78 -52.48
N SER A 73 9.07 5.70 -53.12
CA SER A 73 9.62 5.46 -54.44
C SER A 73 11.08 5.88 -54.46
N CYS A 74 11.91 5.06 -55.13
CA CYS A 74 13.36 5.25 -55.19
C CYS A 74 13.83 5.06 -56.62
N VAL A 75 14.30 6.14 -57.27
CA VAL A 75 14.63 6.11 -58.69
C VAL A 75 15.95 6.83 -58.92
N LEU A 76 16.95 6.09 -59.38
CA LEU A 76 18.20 6.67 -59.85
C LEU A 76 18.03 7.15 -61.28
N HIS A 77 18.44 8.38 -61.56
CA HIS A 77 18.28 9.01 -62.87
C HIS A 77 19.64 9.10 -63.56
N LEU A 78 19.81 8.30 -64.59
CA LEU A 78 21.00 8.32 -65.43
C LEU A 78 20.67 8.92 -66.78
N GLU A 79 21.64 9.61 -67.39
CA GLU A 79 21.48 10.18 -68.72
C GLU A 79 22.71 9.87 -69.58
N VAL A 80 22.48 9.36 -70.77
CA VAL A 80 23.58 9.08 -71.70
C VAL A 80 23.33 9.83 -72.99
N PHE A 81 24.39 9.96 -73.79
CA PHE A 81 24.27 10.72 -75.02
C PHE A 81 25.21 10.17 -76.08
N LEU A 82 24.81 10.40 -77.33
CA LEU A 82 25.64 10.11 -78.49
C LEU A 82 25.92 11.42 -79.20
N GLU A 83 26.98 11.40 -80.00
CA GLU A 83 27.41 12.54 -80.78
C GLU A 83 27.26 12.24 -82.27
N ASN A 84 27.11 13.29 -83.07
CA ASN A 84 27.13 13.19 -84.53
C ASN A 84 26.13 12.17 -85.08
N PRO A 85 24.83 12.47 -84.96
CA PRO A 85 24.29 13.69 -84.36
C PRO A 85 24.21 13.62 -82.85
N LEU A 86 23.97 14.77 -82.23
CA LEU A 86 23.73 14.82 -80.81
C LEU A 86 22.39 14.18 -80.49
N GLU A 87 22.39 13.25 -79.54
CA GLU A 87 21.18 12.58 -79.08
C GLU A 87 21.35 12.32 -77.60
N LEU A 88 20.38 12.76 -76.80
CA LEU A 88 20.41 12.59 -75.36
C LEU A 88 19.31 11.61 -74.96
N PHE A 89 19.66 10.66 -74.10
CA PHE A 89 18.72 9.66 -73.61
C PHE A 89 18.72 9.65 -72.09
N GLN A 90 17.52 9.58 -71.53
CA GLN A 90 17.33 9.50 -70.10
C GLN A 90 17.03 8.07 -69.68
N VAL A 91 17.58 7.66 -68.54
CA VAL A 91 17.44 6.30 -68.01
C VAL A 91 17.02 6.41 -66.55
N GLU A 92 15.88 5.84 -66.23
CA GLU A 92 15.42 5.75 -64.85
C GLU A 92 15.61 4.34 -64.34
N ILE A 93 16.33 4.21 -63.21
CA ILE A 93 16.56 2.92 -62.57
C ILE A 93 15.82 2.92 -61.24
N GLU A 94 14.84 2.02 -61.12
CA GLU A 94 14.04 1.91 -59.91
C GLU A 94 14.68 0.91 -58.98
N VAL A 95 14.93 1.33 -57.74
CA VAL A 95 15.50 0.48 -56.71
C VAL A 95 14.36 -0.07 -55.86
N LEU A 96 14.23 -1.39 -55.83
CA LEU A 96 13.20 -2.06 -55.08
C LEU A 96 13.69 -2.39 -53.67
N ASP A 97 12.84 -2.13 -52.68
CA ASP A 97 13.15 -2.40 -51.27
C ASP A 97 13.07 -3.89 -50.97
N ILE A 98 14.06 -4.41 -50.26
CA ILE A 98 13.93 -5.72 -49.63
C ILE A 98 13.78 -5.55 -48.12
N ASN A 99 13.40 -6.65 -47.46
CA ASN A 99 13.15 -6.66 -46.02
C ASN A 99 14.43 -7.05 -45.28
N ASP A 100 15.40 -6.13 -45.30
CA ASP A 100 16.68 -6.31 -44.62
C ASP A 100 16.76 -5.57 -43.28
N ASN A 101 15.63 -5.12 -42.71
CA ASN A 101 15.67 -4.44 -41.42
C ASN A 101 14.50 -4.88 -40.55
N PRO A 102 14.74 -5.18 -39.28
CA PRO A 102 13.65 -5.49 -38.38
C PRO A 102 13.04 -4.21 -37.86
N PRO A 103 11.81 -4.26 -37.34
CA PRO A 103 11.36 -3.17 -36.49
C PRO A 103 12.25 -3.10 -35.25
N SER A 104 12.45 -1.89 -34.75
CA SER A 104 13.34 -1.65 -33.62
C SER A 104 12.73 -0.63 -32.67
N PHE A 105 12.85 -0.90 -31.31
CA PHE A 105 12.33 0.10 -30.38
C PHE A 105 13.44 1.07 -29.98
N PRO A 106 13.14 2.31 -29.60
CA PRO A 106 14.23 3.26 -29.25
C PRO A 106 14.92 2.95 -27.92
N GLU A 107 14.37 2.06 -27.10
CA GLU A 107 15.06 1.69 -25.88
C GLU A 107 14.57 0.30 -25.48
N PRO A 108 15.44 -0.52 -24.89
CA PRO A 108 15.07 -1.93 -24.70
C PRO A 108 14.06 -2.17 -23.60
N ASP A 109 13.91 -1.23 -22.66
CA ASP A 109 13.02 -1.37 -21.50
C ASP A 109 12.06 -0.18 -21.47
N LEU A 110 10.77 -0.45 -21.57
CA LEU A 110 9.74 0.58 -21.40
C LEU A 110 9.15 0.47 -20.00
N THR A 111 8.88 1.61 -19.38
CA THR A 111 8.21 1.66 -18.10
C THR A 111 7.00 2.56 -18.24
N VAL A 112 5.85 2.07 -17.77
CA VAL A 112 4.60 2.80 -17.77
C VAL A 112 4.04 2.75 -16.35
N GLU A 113 3.63 3.91 -15.85
CA GLU A 113 3.11 4.04 -14.49
C GLU A 113 1.63 4.27 -14.57
N ILE A 114 0.87 3.44 -13.84
CA ILE A 114 -0.58 3.47 -13.90
C ILE A 114 -1.11 3.46 -12.48
N SER A 115 -1.98 4.39 -12.17
CA SER A 115 -2.66 4.40 -10.89
C SER A 115 -3.58 3.18 -10.76
N GLU A 116 -3.57 2.57 -9.57
CA GLU A 116 -4.43 1.42 -9.33
C GLU A 116 -5.90 1.78 -9.36
N SER A 117 -6.23 3.06 -9.35
CA SER A 117 -7.61 3.47 -9.55
C SER A 117 -7.95 3.82 -11.02
N ALA A 118 -7.07 3.56 -11.98
CA ALA A 118 -7.45 3.75 -13.39
C ALA A 118 -8.61 2.85 -13.78
N THR A 119 -9.52 3.39 -14.55
CA THR A 119 -10.71 2.71 -15.02
C THR A 119 -10.40 1.81 -16.22
N PRO A 120 -10.97 0.60 -16.26
CA PRO A 120 -10.85 -0.22 -17.47
C PRO A 120 -11.34 0.51 -18.71
N GLY A 121 -10.59 0.35 -19.79
CA GLY A 121 -10.80 1.13 -20.99
C GLY A 121 -9.81 2.26 -21.15
N THR A 122 -9.15 2.67 -20.08
CA THR A 122 -8.16 3.72 -20.20
C THR A 122 -6.96 3.21 -21.00
N ARG A 123 -6.39 4.10 -21.78
CA ARG A 123 -5.31 3.73 -22.69
C ARG A 123 -4.04 4.42 -22.25
N PHE A 124 -2.91 3.71 -22.36
CA PHE A 124 -1.62 4.27 -22.01
C PHE A 124 -0.65 4.10 -23.17
N PRO A 125 -0.16 5.18 -23.79
CA PRO A 125 0.65 5.03 -25.02
C PRO A 125 2.00 4.40 -24.76
N LEU A 126 2.48 3.68 -25.76
CA LEU A 126 3.79 3.06 -25.73
C LEU A 126 4.72 3.76 -26.72
N GLU A 127 6.01 3.57 -26.50
CA GLU A 127 6.98 4.04 -27.46
C GLU A 127 6.90 3.15 -28.68
N SER A 128 6.78 3.76 -29.85
CA SER A 128 6.57 2.99 -31.06
C SER A 128 7.90 2.49 -31.60
N ALA A 129 7.85 1.36 -32.28
CA ALA A 129 9.01 0.80 -32.95
C ALA A 129 9.07 1.38 -34.35
N PHE A 130 10.28 1.43 -34.89
CA PHE A 130 10.52 2.01 -36.21
C PHE A 130 11.18 0.95 -37.07
N ASP A 131 10.67 0.80 -38.29
CA ASP A 131 11.21 -0.14 -39.28
C ASP A 131 11.62 0.65 -40.51
N PRO A 132 12.89 0.70 -40.87
CA PRO A 132 13.31 1.62 -41.95
C PRO A 132 12.91 1.16 -43.36
N ASP A 133 12.57 -0.11 -43.56
CA ASP A 133 12.09 -0.57 -44.85
C ASP A 133 10.76 0.11 -45.15
N VAL A 134 10.26 -0.04 -46.38
CA VAL A 134 9.05 0.67 -46.81
C VAL A 134 7.96 -0.33 -47.16
N GLY A 135 6.75 0.20 -47.30
CA GLY A 135 5.60 -0.60 -47.66
C GLY A 135 5.41 -1.79 -46.75
N THR A 136 5.05 -2.91 -47.36
CA THR A 136 4.77 -4.13 -46.63
C THR A 136 5.96 -4.57 -45.79
N ASN A 137 7.18 -4.15 -46.14
CA ASN A 137 8.35 -4.51 -45.36
C ASN A 137 8.49 -3.70 -44.08
N SER A 138 7.66 -2.69 -43.90
CA SER A 138 7.71 -1.86 -42.70
C SER A 138 6.85 -2.45 -41.58
N LEU A 139 6.79 -1.72 -40.48
CA LEU A 139 6.07 -2.15 -39.30
C LEU A 139 4.62 -2.49 -39.62
N ARG A 140 4.16 -3.62 -39.13
CA ARG A 140 2.80 -4.07 -39.39
C ARG A 140 1.94 -4.21 -38.13
N ASP A 141 2.48 -4.73 -37.03
CA ASP A 141 1.63 -4.96 -35.87
C ASP A 141 2.48 -5.05 -34.61
N TYR A 142 1.83 -4.86 -33.45
CA TYR A 142 2.43 -5.07 -32.15
C TYR A 142 1.73 -6.21 -31.40
N GLU A 143 2.47 -6.86 -30.51
CA GLU A 143 1.92 -7.93 -29.69
C GLU A 143 2.48 -7.85 -28.27
N ILE A 144 1.71 -8.38 -27.32
CA ILE A 144 2.12 -8.40 -25.92
C ILE A 144 1.95 -9.81 -25.38
N THR A 145 2.84 -10.20 -24.46
CA THR A 145 2.65 -11.41 -23.66
C THR A 145 1.18 -11.57 -23.31
N PRO A 146 0.57 -12.72 -23.58
CA PRO A 146 -0.83 -12.92 -23.17
C PRO A 146 -1.04 -12.71 -21.68
N ASN A 147 -2.10 -12.00 -21.33
CA ASN A 147 -2.34 -11.65 -19.94
C ASN A 147 -3.75 -11.11 -19.83
N SER A 148 -4.25 -11.02 -18.61
CA SER A 148 -5.65 -10.65 -18.43
C SER A 148 -5.84 -9.19 -18.03
N TYR A 149 -4.75 -8.44 -17.88
CA TYR A 149 -4.86 -7.05 -17.45
C TYR A 149 -4.79 -6.05 -18.59
N PHE A 150 -3.99 -6.32 -19.64
CA PHE A 150 -3.74 -5.36 -20.72
C PHE A 150 -3.86 -6.02 -22.09
N SER A 151 -4.45 -5.28 -23.02
CA SER A 151 -4.44 -5.59 -24.43
C SER A 151 -3.82 -4.41 -25.17
N LEU A 152 -3.64 -4.57 -26.49
CA LEU A 152 -3.03 -3.54 -27.31
C LEU A 152 -4.05 -2.94 -28.27
N ASP A 153 -3.91 -1.65 -28.50
CA ASP A 153 -4.62 -0.92 -29.54
C ASP A 153 -3.58 -0.30 -30.45
N VAL A 154 -3.72 -0.50 -31.76
CA VAL A 154 -2.73 -0.03 -32.74
C VAL A 154 -3.43 0.80 -33.79
N GLN A 155 -2.81 1.91 -34.20
CA GLN A 155 -3.37 2.69 -35.28
C GLN A 155 -2.28 3.12 -36.26
N THR A 156 -2.74 3.53 -37.44
CA THR A 156 -1.89 3.89 -38.55
C THR A 156 -1.50 5.36 -38.46
N GLN A 157 -0.21 5.64 -38.61
CA GLN A 157 0.31 7.00 -38.63
C GLN A 157 0.88 7.40 -39.99
N GLY A 158 0.75 6.56 -41.01
CA GLY A 158 1.30 6.84 -42.31
C GLY A 158 2.79 6.56 -42.38
N ASP A 159 3.33 6.72 -43.59
CA ASP A 159 4.78 6.55 -43.81
C ASP A 159 5.28 5.24 -43.22
N GLY A 160 4.49 4.18 -43.37
CA GLY A 160 4.74 2.89 -42.73
C GLY A 160 4.95 2.89 -41.20
N ASN A 161 4.43 3.89 -40.48
CA ASN A 161 4.58 3.92 -39.03
C ASN A 161 3.28 3.54 -38.31
N ARG A 162 3.43 2.97 -37.12
CA ARG A 162 2.28 2.55 -36.35
C ARG A 162 2.51 2.82 -34.88
N PHE A 163 1.44 3.21 -34.21
CA PHE A 163 1.48 3.66 -32.84
C PHE A 163 0.59 2.75 -32.00
N ALA A 164 1.11 2.29 -30.87
CA ALA A 164 0.38 1.37 -29.99
C ALA A 164 0.11 2.01 -28.64
N GLU A 165 -1.02 1.64 -28.04
CA GLU A 165 -1.31 1.91 -26.63
C GLU A 165 -1.69 0.63 -25.90
N LEU A 166 -1.38 0.61 -24.61
CA LEU A 166 -1.94 -0.39 -23.72
C LEU A 166 -3.38 -0.03 -23.41
N VAL A 167 -4.24 -1.04 -23.40
CA VAL A 167 -5.63 -0.89 -23.01
C VAL A 167 -5.84 -1.67 -21.72
N LEU A 168 -6.24 -0.98 -20.66
CA LEU A 168 -6.46 -1.63 -19.38
C LEU A 168 -7.77 -2.42 -19.44
N GLU A 169 -7.69 -3.72 -19.20
CA GLU A 169 -8.84 -4.60 -19.37
C GLU A 169 -9.56 -4.89 -18.06
N LYS A 170 -8.88 -4.81 -16.92
CA LYS A 170 -9.52 -5.04 -15.65
C LYS A 170 -8.76 -4.27 -14.59
N PRO A 171 -9.37 -4.02 -13.43
CA PRO A 171 -8.76 -3.15 -12.44
C PRO A 171 -7.44 -3.71 -11.90
N LEU A 172 -6.51 -2.82 -11.61
CA LEU A 172 -5.28 -3.20 -10.95
C LEU A 172 -5.43 -3.01 -9.44
N ASP A 173 -4.56 -3.69 -8.68
CA ASP A 173 -4.57 -3.62 -7.22
C ASP A 173 -3.13 -3.64 -6.77
N ARG A 174 -2.60 -2.47 -6.40
CA ARG A 174 -1.19 -2.40 -6.02
C ARG A 174 -0.90 -3.30 -4.83
N GLU A 175 -1.86 -3.38 -3.90
CA GLU A 175 -1.70 -4.18 -2.70
C GLU A 175 -1.61 -5.67 -3.02
N GLN A 176 -2.02 -6.07 -4.23
CA GLN A 176 -1.92 -7.45 -4.68
C GLN A 176 -0.71 -7.70 -5.55
N GLN A 177 -0.37 -6.74 -6.42
CA GLN A 177 0.84 -6.84 -7.23
C GLN A 177 1.21 -5.45 -7.66
N ALA A 178 2.41 -5.00 -7.28
CA ALA A 178 2.78 -3.62 -7.53
C ALA A 178 3.49 -3.41 -8.88
N VAL A 179 3.93 -4.46 -9.55
CA VAL A 179 4.70 -4.35 -10.79
C VAL A 179 4.30 -5.48 -11.73
N HIS A 180 3.95 -5.15 -12.97
CA HIS A 180 3.70 -6.15 -14.01
C HIS A 180 4.78 -6.07 -15.08
N ARG A 181 5.24 -7.23 -15.53
CA ARG A 181 6.31 -7.28 -16.51
C ARG A 181 5.85 -8.14 -17.69
N TYR A 182 6.03 -7.60 -18.90
CA TYR A 182 5.59 -8.27 -20.11
C TYR A 182 6.66 -8.07 -21.18
N VAL A 183 6.51 -8.83 -22.26
CA VAL A 183 7.34 -8.68 -23.44
C VAL A 183 6.50 -8.07 -24.54
N LEU A 184 6.99 -7.00 -25.12
CA LEU A 184 6.36 -6.32 -26.23
C LEU A 184 7.12 -6.65 -27.50
N THR A 185 6.41 -6.97 -28.57
CA THR A 185 7.05 -7.34 -29.82
C THR A 185 6.40 -6.58 -30.96
N ALA A 186 7.19 -6.33 -31.99
CA ALA A 186 6.75 -5.64 -33.20
C ALA A 186 7.25 -6.40 -34.41
N VAL A 187 6.34 -6.73 -35.31
CA VAL A 187 6.67 -7.47 -36.52
C VAL A 187 6.32 -6.60 -37.71
N ASP A 188 7.13 -6.69 -38.76
CA ASP A 188 6.85 -6.03 -40.02
C ASP A 188 6.00 -6.97 -40.87
N GLY A 189 5.82 -6.64 -42.15
CA GLY A 189 4.87 -7.38 -42.98
C GLY A 189 5.50 -8.23 -44.06
N GLY A 190 6.68 -8.79 -43.80
CA GLY A 190 7.33 -9.62 -44.78
C GLY A 190 7.00 -11.09 -44.65
N GLY A 191 6.00 -11.56 -45.39
CA GLY A 191 5.64 -12.97 -45.35
C GLY A 191 4.45 -13.32 -46.21
N GLY A 204 5.38 -9.54 -56.35
CA GLY A 204 5.81 -8.18 -56.06
C GLY A 204 7.04 -7.73 -56.84
N ALA A 205 6.81 -7.33 -58.10
CA ALA A 205 7.86 -6.80 -59.00
C ALA A 205 9.01 -7.78 -59.21
N GLY A 206 8.76 -9.08 -59.01
CA GLY A 206 9.77 -10.08 -59.25
C GLY A 206 10.78 -10.27 -58.14
N LEU A 207 10.39 -9.98 -56.87
CA LEU A 207 11.35 -10.13 -55.78
C LEU A 207 11.29 -11.53 -55.19
N PRO A 208 12.43 -12.05 -54.71
CA PRO A 208 12.42 -13.36 -54.04
C PRO A 208 11.66 -13.30 -52.73
N PRO A 209 11.28 -14.46 -52.18
CA PRO A 209 10.48 -14.46 -50.93
C PRO A 209 11.18 -13.74 -49.80
N GLN A 210 10.44 -12.87 -49.13
CA GLN A 210 10.91 -12.12 -47.97
C GLN A 210 10.35 -12.75 -46.69
N GLN A 211 11.18 -12.83 -45.67
CA GLN A 211 10.77 -13.35 -44.37
C GLN A 211 10.40 -12.21 -43.42
N GLN A 212 9.51 -12.50 -42.49
CA GLN A 212 9.07 -11.52 -41.50
C GLN A 212 10.14 -11.30 -40.45
N ARG A 213 10.37 -10.04 -40.10
CA ARG A 213 11.33 -9.70 -39.06
C ARG A 213 10.62 -9.11 -37.85
N THR A 214 11.26 -9.22 -36.70
CA THR A 214 10.62 -8.94 -35.41
C THR A 214 11.56 -8.16 -34.49
N GLY A 215 11.00 -7.16 -33.80
CA GLY A 215 11.73 -6.45 -32.76
C GLY A 215 11.08 -6.63 -31.40
N THR A 216 11.83 -6.38 -30.32
CA THR A 216 11.40 -6.71 -28.97
C THR A 216 11.75 -5.60 -27.99
N ALA A 217 10.92 -5.45 -26.96
CA ALA A 217 11.23 -4.58 -25.85
C ALA A 217 10.57 -5.14 -24.61
N LEU A 218 11.26 -5.00 -23.47
CA LEU A 218 10.64 -5.29 -22.19
C LEU A 218 9.72 -4.15 -21.77
N LEU A 219 8.64 -4.53 -21.10
CA LEU A 219 7.63 -3.58 -20.66
C LEU A 219 7.42 -3.78 -19.17
N THR A 220 7.55 -2.71 -18.40
CA THR A 220 7.34 -2.74 -16.95
C THR A 220 6.20 -1.80 -16.62
N ILE A 221 5.16 -2.34 -15.97
CA ILE A 221 4.04 -1.55 -15.46
C ILE A 221 4.23 -1.40 -13.96
N ARG A 222 4.44 -0.17 -13.50
CA ARG A 222 4.49 0.14 -12.07
C ARG A 222 3.13 0.69 -11.67
N VAL A 223 2.53 0.06 -10.66
CA VAL A 223 1.19 0.39 -10.23
C VAL A 223 1.31 1.37 -9.06
N LEU A 224 0.72 2.54 -9.24
CA LEU A 224 0.83 3.60 -8.25
C LEU A 224 -0.28 3.50 -7.22
N ASP A 225 0.06 3.76 -5.96
CA ASP A 225 -0.87 3.60 -4.87
C ASP A 225 -1.97 4.66 -4.88
N SER A 226 -3.19 4.21 -4.64
CA SER A 226 -4.28 5.06 -4.20
CA SER A 226 -4.28 5.06 -4.21
C SER A 226 -4.65 4.71 -2.77
N ASN A 227 -5.31 5.67 -2.09
CA ASN A 227 -5.72 5.46 -0.69
C ASN A 227 -7.08 4.78 -0.66
N ASP A 228 -7.05 3.48 -1.00
CA ASP A 228 -8.27 2.69 -1.16
C ASP A 228 -8.46 1.65 -0.06
N ASN A 229 -7.60 1.63 0.96
CA ASN A 229 -7.81 0.79 2.12
C ASN A 229 -7.98 1.65 3.36
N VAL A 230 -8.99 1.29 4.16
CA VAL A 230 -9.33 1.97 5.40
C VAL A 230 -8.63 1.22 6.53
N PRO A 231 -8.06 1.91 7.52
CA PRO A 231 -7.48 1.20 8.66
C PRO A 231 -8.51 0.28 9.30
N ALA A 232 -8.02 -0.86 9.81
CA ALA A 232 -8.89 -1.93 10.26
C ALA A 232 -8.43 -2.44 11.60
N PHE A 233 -9.31 -2.37 12.60
CA PHE A 233 -9.11 -3.08 13.87
C PHE A 233 -9.67 -4.50 13.75
N ASP A 234 -8.90 -5.48 14.22
CA ASP A 234 -9.36 -6.87 14.14
C ASP A 234 -10.60 -7.16 14.97
N GLN A 235 -11.02 -6.24 15.85
CA GLN A 235 -12.25 -6.38 16.62
C GLN A 235 -12.92 -5.02 16.72
N PRO A 236 -14.23 -4.98 16.91
CA PRO A 236 -14.90 -3.70 17.14
C PRO A 236 -14.96 -3.28 18.62
N VAL A 237 -14.74 -4.23 19.54
CA VAL A 237 -14.69 -3.92 20.96
C VAL A 237 -13.62 -4.79 21.58
N TYR A 238 -12.77 -4.18 22.41
CA TYR A 238 -11.76 -4.89 23.18
C TYR A 238 -12.08 -4.71 24.66
N THR A 239 -11.92 -5.78 25.45
CA THR A 239 -12.17 -5.73 26.89
C THR A 239 -10.86 -5.97 27.65
N VAL A 240 -10.60 -5.12 28.63
CA VAL A 240 -9.39 -5.21 29.43
C VAL A 240 -9.75 -5.03 30.90
N SER A 241 -9.17 -5.86 31.75
CA SER A 241 -9.37 -5.78 33.20
C SER A 241 -8.07 -5.39 33.85
N LEU A 242 -8.13 -4.41 34.75
CA LEU A 242 -6.96 -3.85 35.38
C LEU A 242 -7.28 -3.60 36.84
N PRO A 243 -6.33 -3.80 37.73
CA PRO A 243 -6.58 -3.51 39.14
C PRO A 243 -6.67 -2.02 39.38
N GLU A 244 -7.62 -1.62 40.22
CA GLU A 244 -7.71 -0.24 40.65
C GLU A 244 -6.38 0.18 41.25
N ASN A 245 -6.14 1.47 41.26
CA ASN A 245 -4.85 2.02 41.69
C ASN A 245 -3.68 1.58 40.79
N SER A 246 -3.94 1.04 39.61
CA SER A 246 -2.83 0.76 38.71
C SER A 246 -2.07 2.07 38.49
N PRO A 247 -0.73 2.06 38.55
CA PRO A 247 0.01 3.32 38.51
C PRO A 247 -0.02 3.91 37.10
N PRO A 248 0.01 5.23 36.99
CA PRO A 248 0.13 5.84 35.65
C PRO A 248 1.28 5.23 34.86
N GLY A 249 1.08 5.14 33.55
CA GLY A 249 2.00 4.48 32.67
C GLY A 249 1.67 3.02 32.42
N THR A 250 0.80 2.45 33.23
CA THR A 250 0.39 1.06 33.04
C THR A 250 -0.28 0.89 31.68
N LEU A 251 0.11 -0.18 31.00
CA LEU A 251 -0.47 -0.49 29.70
C LEU A 251 -1.89 -1.00 29.87
N VAL A 252 -2.79 -0.46 29.06
CA VAL A 252 -4.15 -0.97 28.94
C VAL A 252 -4.18 -1.93 27.77
N ILE A 253 -3.91 -1.44 26.57
CA ILE A 253 -3.95 -2.26 25.37
C ILE A 253 -3.17 -1.58 24.26
N GLN A 254 -2.54 -2.37 23.42
CA GLN A 254 -1.79 -1.91 22.25
C GLN A 254 -2.69 -2.09 21.04
N LEU A 255 -3.36 -1.00 20.64
CA LEU A 255 -4.24 -1.06 19.47
C LEU A 255 -3.42 -1.15 18.19
N ASN A 256 -4.02 -1.72 17.17
CA ASN A 256 -3.35 -1.96 15.89
C ASN A 256 -4.45 -1.90 14.84
N ALA A 257 -4.51 -0.79 14.10
CA ALA A 257 -5.44 -0.63 12.99
C ALA A 257 -4.63 -0.69 11.70
N THR A 258 -4.58 -1.86 11.08
CA THR A 258 -3.68 -2.10 9.96
C THR A 258 -4.20 -1.42 8.69
N ASP A 259 -3.28 -1.00 7.85
CA ASP A 259 -3.59 -0.27 6.62
C ASP A 259 -2.51 -0.64 5.60
N PRO A 260 -2.83 -1.46 4.61
CA PRO A 260 -1.80 -1.91 3.66
C PRO A 260 -1.38 -0.89 2.59
N ASP A 261 -1.95 0.32 2.55
CA ASP A 261 -1.56 1.28 1.53
C ASP A 261 -0.11 1.68 1.71
N GLU A 262 0.37 2.54 0.82
CA GLU A 262 1.77 2.96 0.76
C GLU A 262 1.91 4.41 1.22
N GLY A 263 3.07 4.75 1.79
CA GLY A 263 3.30 6.12 2.19
C GLY A 263 2.31 6.61 3.24
N GLN A 264 2.03 7.92 3.16
CA GLN A 264 1.06 8.54 4.06
C GLN A 264 -0.29 7.82 4.00
N ASN A 265 -0.67 7.31 2.81
CA ASN A 265 -1.91 6.56 2.68
C ASN A 265 -1.96 5.41 3.66
N GLY A 266 -0.80 4.90 4.05
CA GLY A 266 -0.76 3.73 4.90
C GLY A 266 -0.29 3.99 6.32
N GLU A 267 0.03 5.25 6.63
CA GLU A 267 0.45 5.63 7.98
C GLU A 267 -0.77 6.00 8.81
N VAL A 268 -0.91 5.37 9.98
CA VAL A 268 -2.11 5.48 10.81
C VAL A 268 -1.78 6.26 12.08
N VAL A 269 -2.67 7.18 12.44
CA VAL A 269 -2.60 7.88 13.71
C VAL A 269 -3.88 7.61 14.50
N TYR A 270 -3.73 7.42 15.83
CA TYR A 270 -4.82 7.06 16.73
C TYR A 270 -5.16 8.20 17.68
N SER A 271 -6.44 8.39 17.96
CA SER A 271 -6.88 9.43 18.86
C SER A 271 -8.22 9.07 19.51
N PHE A 272 -8.66 9.92 20.45
CA PHE A 272 -9.96 9.70 21.10
C PHE A 272 -11.09 10.28 20.25
N SER A 273 -12.18 9.52 20.16
CA SER A 273 -13.38 9.99 19.52
C SER A 273 -14.05 11.06 20.37
N SER A 274 -14.86 11.90 19.73
CA SER A 274 -15.47 13.03 20.44
C SER A 274 -16.51 12.57 21.46
N HIS A 275 -16.97 11.33 21.37
CA HIS A 275 -17.97 10.81 22.28
C HIS A 275 -17.38 10.38 23.63
N ILE A 276 -16.08 10.59 23.84
CA ILE A 276 -15.42 10.03 25.00
C ILE A 276 -15.79 10.84 26.25
N SER A 277 -16.10 10.12 27.31
CA SER A 277 -16.53 10.80 28.53
C SER A 277 -15.41 11.70 29.03
N PRO A 278 -15.73 12.82 29.68
CA PRO A 278 -14.67 13.70 30.19
C PRO A 278 -13.78 13.00 31.21
N ARG A 279 -14.30 11.99 31.88
CA ARG A 279 -13.56 11.25 32.89
C ARG A 279 -12.59 10.26 32.26
N ALA A 280 -13.04 9.51 31.26
CA ALA A 280 -12.12 8.67 30.51
C ALA A 280 -10.98 9.49 29.89
N ARG A 281 -11.28 10.67 29.35
CA ARG A 281 -10.24 11.50 28.76
C ARG A 281 -9.16 11.84 29.79
N GLU A 282 -9.56 11.98 31.07
CA GLU A 282 -8.61 12.28 32.15
C GLU A 282 -7.79 11.07 32.52
N LEU A 283 -8.43 9.90 32.58
CA LEU A 283 -7.86 8.72 33.21
C LEU A 283 -7.00 7.90 32.26
N PHE A 284 -7.08 8.14 30.96
CA PHE A 284 -6.37 7.35 29.96
C PHE A 284 -5.69 8.27 28.96
N GLY A 285 -4.59 7.78 28.40
CA GLY A 285 -3.83 8.50 27.40
C GLY A 285 -3.46 7.60 26.25
N LEU A 286 -3.49 8.15 25.04
CA LEU A 286 -3.37 7.35 23.82
C LEU A 286 -2.24 7.91 22.97
N SER A 287 -1.24 7.09 22.68
CA SER A 287 -0.11 7.52 21.85
C SER A 287 -0.54 7.64 20.39
N PRO A 288 -0.48 8.83 19.79
CA PRO A 288 -1.00 8.99 18.41
C PRO A 288 -0.37 8.07 17.38
N ARG A 289 0.90 7.74 17.51
CA ARG A 289 1.59 6.97 16.47
C ARG A 289 1.65 5.48 16.75
N THR A 290 1.75 5.05 18.00
CA THR A 290 1.84 3.63 18.34
C THR A 290 0.50 2.98 18.63
N GLY A 291 -0.54 3.76 18.94
CA GLY A 291 -1.78 3.18 19.39
C GLY A 291 -1.71 2.58 20.79
N ARG A 292 -0.69 2.93 21.55
CA ARG A 292 -0.57 2.43 22.93
C ARG A 292 -1.53 3.21 23.82
N LEU A 293 -2.52 2.51 24.37
CA LEU A 293 -3.42 3.09 25.36
C LEU A 293 -2.93 2.71 26.75
N GLU A 294 -2.88 3.69 27.64
CA GLU A 294 -2.34 3.50 28.98
C GLU A 294 -3.10 4.35 29.97
N VAL A 295 -2.98 3.97 31.25
CA VAL A 295 -3.57 4.69 32.36
C VAL A 295 -2.78 5.96 32.63
N SER A 296 -3.48 7.08 32.84
CA SER A 296 -2.82 8.32 33.25
C SER A 296 -3.43 8.94 34.52
N GLY A 297 -4.41 8.31 35.12
CA GLY A 297 -5.00 8.85 36.34
C GLY A 297 -5.17 7.73 37.33
N GLU A 298 -5.90 7.97 38.42
CA GLU A 298 -6.12 6.96 39.42
C GLU A 298 -7.42 6.22 39.10
N LEU A 299 -7.31 4.94 38.79
CA LEU A 299 -8.50 4.13 38.63
C LEU A 299 -9.02 3.75 40.00
N ASP A 300 -10.21 4.22 40.35
CA ASP A 300 -10.83 3.95 41.65
C ASP A 300 -12.09 3.10 41.44
N TYR A 301 -12.03 1.83 41.85
CA TYR A 301 -13.19 0.95 41.75
C TYR A 301 -14.40 1.54 42.48
N GLU A 302 -14.19 2.09 43.68
CA GLU A 302 -15.31 2.63 44.42
C GLU A 302 -15.92 3.85 43.75
N GLU A 303 -15.29 4.38 42.71
CA GLU A 303 -15.86 5.44 41.90
C GLU A 303 -16.61 4.89 40.68
N SER A 304 -16.03 3.91 40.02
CA SER A 304 -16.66 3.26 38.90
C SER A 304 -15.93 1.96 38.59
N PRO A 305 -16.63 0.84 38.36
CA PRO A 305 -15.96 -0.40 37.98
C PRO A 305 -15.63 -0.53 36.49
N VAL A 306 -16.04 0.40 35.63
CA VAL A 306 -15.78 0.24 34.20
C VAL A 306 -15.71 1.61 33.53
N TYR A 307 -14.89 1.68 32.48
CA TYR A 307 -14.78 2.88 31.65
C TYR A 307 -14.88 2.49 30.18
N GLN A 308 -15.43 3.41 29.39
CA GLN A 308 -15.59 3.21 27.95
C GLN A 308 -14.67 4.19 27.22
N VAL A 309 -13.67 3.65 26.54
CA VAL A 309 -12.70 4.46 25.80
C VAL A 309 -13.01 4.28 24.32
N TYR A 310 -13.44 5.36 23.68
CA TYR A 310 -13.78 5.37 22.26
C TYR A 310 -12.58 5.90 21.50
N VAL A 311 -11.98 5.03 20.69
CA VAL A 311 -10.80 5.36 19.88
C VAL A 311 -11.18 5.46 18.40
N GLN A 312 -10.47 6.34 17.69
CA GLN A 312 -10.55 6.40 16.23
C GLN A 312 -9.14 6.28 15.67
N ALA A 313 -9.02 5.58 14.55
CA ALA A 313 -7.78 5.54 13.80
C ALA A 313 -8.04 6.03 12.38
N LYS A 314 -7.08 6.73 11.80
CA LYS A 314 -7.27 7.35 10.49
C LYS A 314 -5.92 7.51 9.80
N ASP A 315 -5.82 7.11 8.54
CA ASP A 315 -4.51 7.22 7.91
C ASP A 315 -4.26 8.69 7.57
N LEU A 316 -3.04 8.98 7.11
CA LEU A 316 -2.61 10.33 6.83
C LEU A 316 -2.73 10.72 5.35
N GLY A 317 -3.45 9.94 4.54
CA GLY A 317 -3.57 10.24 3.12
C GLY A 317 -4.77 11.13 2.81
N PRO A 318 -4.91 11.52 1.56
CA PRO A 318 -6.09 12.31 1.18
C PRO A 318 -7.33 11.44 1.19
N ASN A 319 -8.47 12.07 1.47
CA ASN A 319 -9.75 11.35 1.45
C ASN A 319 -9.79 10.24 2.50
N ALA A 320 -8.96 10.32 3.53
CA ALA A 320 -8.92 9.26 4.53
C ALA A 320 -10.28 9.06 5.16
N VAL A 321 -10.59 7.81 5.48
CA VAL A 321 -11.84 7.44 6.15
C VAL A 321 -11.51 6.92 7.55
N PRO A 322 -12.11 7.47 8.61
CA PRO A 322 -11.79 6.98 9.96
C PRO A 322 -12.36 5.60 10.25
N ALA A 323 -11.61 4.85 11.06
CA ALA A 323 -12.07 3.62 11.66
C ALA A 323 -12.20 3.80 13.17
N HIS A 324 -13.03 2.98 13.79
CA HIS A 324 -13.45 3.16 15.19
C HIS A 324 -13.41 1.84 15.92
N CYS A 325 -13.03 1.91 17.19
CA CYS A 325 -13.19 0.78 18.10
C CYS A 325 -13.40 1.32 19.51
N LYS A 326 -13.81 0.42 20.38
CA LYS A 326 -14.19 0.75 21.74
C LYS A 326 -13.39 -0.16 22.65
N VAL A 327 -12.77 0.41 23.68
CA VAL A 327 -12.07 -0.35 24.69
C VAL A 327 -12.88 -0.29 25.99
N LEU A 328 -13.30 -1.45 26.48
CA LEU A 328 -14.00 -1.58 27.77
C LEU A 328 -12.97 -1.90 28.83
N VAL A 329 -12.70 -0.94 29.71
CA VAL A 329 -11.72 -1.13 30.77
C VAL A 329 -12.50 -1.43 32.05
N ARG A 330 -12.50 -2.71 32.46
CA ARG A 330 -13.10 -3.11 33.73
C ARG A 330 -12.09 -2.93 34.85
N VAL A 331 -12.50 -2.25 35.91
CA VAL A 331 -11.63 -2.02 37.07
C VAL A 331 -11.87 -3.14 38.08
N LEU A 332 -10.79 -3.64 38.67
CA LEU A 332 -10.84 -4.71 39.65
C LEU A 332 -10.64 -4.13 41.04
N ASP A 333 -11.50 -4.52 41.96
CA ASP A 333 -11.48 -3.97 43.31
C ASP A 333 -10.26 -4.49 44.06
N ALA A 334 -9.55 -3.57 44.72
CA ALA A 334 -8.51 -3.88 45.69
C ALA A 334 -8.99 -3.54 47.11
N ASN A 335 -8.20 -3.96 48.11
CA ASN A 335 -8.54 -3.68 49.51
C ASN A 335 -7.82 -2.41 49.94
N ASP A 336 -8.40 -1.28 49.56
CA ASP A 336 -7.85 0.02 49.89
C ASP A 336 -8.74 0.84 50.81
N ASN A 337 -9.76 0.27 51.43
CA ASN A 337 -10.50 0.95 52.48
C ASN A 337 -10.51 0.12 53.76
N ALA A 338 -10.23 0.73 54.82
CA ALA A 338 -10.29 0.05 56.09
C ALA A 338 -11.69 0.13 56.68
N PRO A 339 -12.08 -0.86 57.48
CA PRO A 339 -13.38 -0.80 58.17
C PRO A 339 -13.59 0.48 58.96
N GLU A 340 -14.83 0.92 59.05
CA GLU A 340 -15.21 2.08 59.85
C GLU A 340 -16.09 1.60 60.99
N ILE A 341 -15.73 1.99 62.20
CA ILE A 341 -16.52 1.65 63.39
C ILE A 341 -17.31 2.87 63.79
N SER A 342 -18.57 2.66 64.16
CA SER A 342 -19.47 3.75 64.56
C SER A 342 -20.35 3.29 65.73
N PHE A 343 -20.15 3.90 66.89
CA PHE A 343 -20.95 3.63 68.07
C PHE A 343 -22.22 4.47 68.06
N SER A 344 -23.34 3.83 68.41
CA SER A 344 -24.65 4.47 68.41
C SER A 344 -25.12 4.87 69.81
N THR A 345 -24.69 4.15 70.84
CA THR A 345 -25.00 4.51 72.21
C THR A 345 -23.97 3.85 73.14
N VAL A 346 -23.52 4.61 74.15
CA VAL A 346 -22.51 4.15 75.11
C VAL A 346 -22.93 4.67 76.47
N LYS A 347 -23.36 3.77 77.36
CA LYS A 347 -23.66 4.13 78.73
C LYS A 347 -22.36 4.11 79.52
N GLU A 348 -21.87 5.29 79.90
CA GLU A 348 -20.60 5.36 80.61
C GLU A 348 -20.67 4.69 81.97
N ALA A 349 -21.84 4.66 82.59
CA ALA A 349 -22.01 4.09 83.92
C ALA A 349 -22.82 2.80 83.82
N VAL A 350 -22.32 1.74 84.46
CA VAL A 350 -23.05 0.49 84.63
C VAL A 350 -23.14 0.18 86.11
N SER A 351 -24.32 -0.21 86.57
CA SER A 351 -24.52 -0.46 87.99
C SER A 351 -23.57 -1.56 88.48
N GLU A 352 -23.29 -1.54 89.80
CA GLU A 352 -22.31 -2.45 90.38
C GLU A 352 -22.72 -3.91 90.24
N GLY A 353 -23.99 -4.22 90.52
CA GLY A 353 -24.45 -5.59 90.55
C GLY A 353 -25.09 -6.04 89.25
N ALA A 354 -24.77 -5.36 88.16
CA ALA A 354 -25.32 -5.74 86.86
C ALA A 354 -25.14 -7.23 86.65
N ALA A 355 -26.26 -7.91 86.40
CA ALA A 355 -26.20 -9.33 86.08
C ALA A 355 -25.45 -9.52 84.77
N PRO A 356 -24.96 -10.72 84.51
CA PRO A 356 -24.38 -10.98 83.19
C PRO A 356 -25.36 -10.60 82.09
N GLY A 357 -24.85 -10.33 80.89
CA GLY A 357 -25.67 -10.00 79.74
C GLY A 357 -26.14 -8.56 79.69
N THR A 358 -25.75 -7.73 80.65
CA THR A 358 -26.21 -6.34 80.67
C THR A 358 -25.54 -5.57 79.54
N VAL A 359 -26.35 -4.98 78.66
CA VAL A 359 -25.81 -4.28 77.51
C VAL A 359 -25.14 -2.98 77.96
N VAL A 360 -23.97 -2.70 77.39
CA VAL A 360 -23.18 -1.52 77.73
C VAL A 360 -22.96 -0.58 76.56
N ALA A 361 -23.06 -1.05 75.30
CA ALA A 361 -22.83 -0.21 74.14
C ALA A 361 -23.37 -0.91 72.91
N LEU A 362 -23.72 -0.11 71.89
CA LEU A 362 -24.10 -0.59 70.57
C LEU A 362 -23.24 0.09 69.51
N PHE A 363 -22.94 -0.63 68.44
CA PHE A 363 -22.16 -0.07 67.34
C PHE A 363 -22.32 -0.91 66.09
N SER A 364 -21.85 -0.34 64.98
CA SER A 364 -21.90 -0.99 63.68
C SER A 364 -20.60 -0.70 62.93
N VAL A 365 -20.33 -1.54 61.93
CA VAL A 365 -19.12 -1.42 61.13
C VAL A 365 -19.46 -1.41 59.66
N THR A 366 -18.66 -0.67 58.88
CA THR A 366 -18.81 -0.60 57.43
C THR A 366 -17.43 -0.67 56.79
N ASP A 367 -17.41 -1.02 55.50
CA ASP A 367 -16.19 -1.09 54.70
C ASP A 367 -16.54 -0.77 53.25
N ARG A 368 -15.94 0.29 52.70
CA ARG A 368 -16.32 0.76 51.37
C ARG A 368 -15.98 -0.23 50.26
N ASP A 369 -15.20 -1.26 50.56
CA ASP A 369 -14.80 -2.24 49.56
C ASP A 369 -15.93 -3.24 49.33
N SER A 370 -15.67 -4.23 48.47
CA SER A 370 -16.68 -5.20 48.03
C SER A 370 -16.13 -6.61 48.25
N GLU A 371 -17.05 -7.58 48.33
CA GLU A 371 -16.67 -8.98 48.53
C GLU A 371 -15.84 -9.10 49.81
N GLU A 372 -14.89 -10.04 49.82
CA GLU A 372 -13.99 -10.21 50.95
C GLU A 372 -13.36 -8.91 51.40
N ASN A 373 -13.02 -8.03 50.47
CA ASN A 373 -12.36 -6.79 50.88
C ASN A 373 -13.28 -5.93 51.74
N GLY A 374 -14.59 -6.17 51.69
CA GLY A 374 -15.56 -5.43 52.47
C GLY A 374 -16.22 -6.23 53.57
N GLN A 375 -15.76 -7.46 53.83
CA GLN A 375 -16.27 -8.30 54.90
C GLN A 375 -15.47 -8.04 56.17
N VAL A 376 -16.16 -7.76 57.27
CA VAL A 376 -15.51 -7.32 58.49
C VAL A 376 -15.81 -8.30 59.62
N GLN A 377 -14.77 -8.66 60.37
CA GLN A 377 -14.90 -9.36 61.64
C GLN A 377 -14.47 -8.42 62.76
N CYS A 378 -15.01 -8.64 63.96
CA CYS A 378 -14.79 -7.76 65.11
C CYS A 378 -14.34 -8.54 66.34
N GLU A 379 -13.50 -7.89 67.14
CA GLU A 379 -12.97 -8.46 68.37
C GLU A 379 -12.96 -7.39 69.45
N LEU A 380 -13.11 -7.83 70.70
CA LEU A 380 -12.90 -6.98 71.86
C LEU A 380 -11.50 -7.25 72.40
N LEU A 381 -10.74 -6.18 72.64
CA LEU A 381 -9.39 -6.34 73.13
C LEU A 381 -9.35 -6.50 74.65
N GLY A 382 -8.24 -7.06 75.12
CA GLY A 382 -7.94 -7.13 76.54
C GLY A 382 -8.53 -8.35 77.21
N ASP A 383 -8.28 -8.44 78.51
CA ASP A 383 -8.80 -9.51 79.34
C ASP A 383 -9.90 -8.97 80.26
N VAL A 384 -10.76 -8.11 79.73
CA VAL A 384 -11.80 -7.48 80.52
C VAL A 384 -13.01 -8.41 80.60
N PRO A 385 -13.94 -8.19 81.54
CA PRO A 385 -15.10 -9.06 81.70
C PRO A 385 -16.29 -8.61 80.86
N PHE A 386 -16.03 -8.36 79.58
CA PHE A 386 -17.09 -7.99 78.65
C PHE A 386 -17.01 -8.90 77.44
N ARG A 387 -18.17 -9.08 76.80
CA ARG A 387 -18.31 -9.98 75.68
C ARG A 387 -19.05 -9.24 74.57
N LEU A 388 -18.82 -9.71 73.34
CA LEU A 388 -19.42 -9.15 72.14
C LEU A 388 -20.58 -10.04 71.70
N LYS A 389 -21.70 -9.41 71.34
CA LYS A 389 -22.83 -10.12 70.76
C LYS A 389 -23.22 -9.46 69.44
N SER A 390 -23.91 -10.22 68.60
CA SER A 390 -24.33 -9.73 67.29
C SER A 390 -25.71 -10.28 66.96
N SER A 391 -26.67 -9.38 66.76
CA SER A 391 -28.00 -9.77 66.31
C SER A 391 -28.11 -9.82 64.78
N PHE A 392 -27.43 -8.91 64.09
CA PHE A 392 -27.46 -8.84 62.63
C PHE A 392 -26.04 -8.60 62.11
N LYS A 393 -25.80 -8.95 60.85
CA LYS A 393 -24.47 -8.76 60.30
C LYS A 393 -24.02 -7.31 60.44
N ASN A 394 -22.83 -7.13 61.00
CA ASN A 394 -22.15 -5.84 61.14
C ASN A 394 -22.72 -4.97 62.22
N TYR A 395 -23.75 -5.41 62.93
CA TYR A 395 -24.27 -4.72 64.11
C TYR A 395 -23.95 -5.54 65.35
N TYR A 396 -23.36 -4.89 66.34
CA TYR A 396 -22.83 -5.57 67.50
C TYR A 396 -23.32 -4.89 68.78
N THR A 397 -23.20 -5.63 69.87
CA THR A 397 -23.48 -5.13 71.21
C THR A 397 -22.35 -5.54 72.13
N ILE A 398 -22.06 -4.72 73.12
CA ILE A 398 -21.07 -5.02 74.15
C ILE A 398 -21.83 -5.28 75.45
N VAL A 399 -21.78 -6.52 75.95
CA VAL A 399 -22.51 -6.89 77.16
C VAL A 399 -21.51 -7.28 78.24
N THR A 400 -22.03 -7.40 79.47
CA THR A 400 -21.23 -7.88 80.57
C THR A 400 -21.17 -9.41 80.54
N GLU A 401 -20.33 -9.95 81.40
CA GLU A 401 -20.03 -11.37 81.39
C GLU A 401 -20.03 -11.98 82.78
N ALA A 402 -20.22 -11.19 83.85
CA ALA A 402 -19.98 -11.65 85.21
C ALA A 402 -20.41 -10.55 86.19
N PRO A 403 -20.22 -10.72 87.49
CA PRO A 403 -20.44 -9.61 88.42
C PRO A 403 -19.23 -8.68 88.44
N LEU A 404 -19.35 -7.61 89.21
CA LEU A 404 -18.42 -6.49 89.07
C LEU A 404 -17.81 -6.07 90.40
N ASP A 405 -17.14 -4.92 90.38
CA ASP A 405 -16.41 -4.41 91.53
C ASP A 405 -16.13 -2.93 91.28
N ARG A 406 -16.63 -2.05 92.17
CA ARG A 406 -16.49 -0.61 91.95
C ARG A 406 -15.06 -0.14 92.21
N GLU A 407 -14.36 -0.75 93.17
CA GLU A 407 -13.01 -0.35 93.54
C GLU A 407 -11.94 -1.18 92.81
N ALA A 408 -12.01 -2.50 92.90
CA ALA A 408 -11.04 -3.35 92.21
C ALA A 408 -10.96 -3.03 90.73
N GLY A 409 -12.12 -2.89 90.08
CA GLY A 409 -12.19 -2.44 88.70
C GLY A 409 -13.16 -1.29 88.53
N ASP A 410 -12.67 -0.06 88.71
CA ASP A 410 -13.54 1.11 88.65
C ASP A 410 -13.93 1.44 87.21
N SER A 411 -12.98 1.98 86.44
CA SER A 411 -13.24 2.38 85.06
C SER A 411 -12.63 1.36 84.11
N TYR A 412 -13.29 1.19 82.96
CA TYR A 412 -12.84 0.27 81.92
C TYR A 412 -12.72 1.00 80.59
N THR A 413 -11.65 0.70 79.88
CA THR A 413 -11.48 1.13 78.51
C THR A 413 -11.69 -0.11 77.63
N LEU A 414 -12.80 -0.13 76.91
CA LEU A 414 -13.10 -1.18 75.95
C LEU A 414 -12.76 -0.66 74.56
N THR A 415 -11.87 -1.36 73.86
CA THR A 415 -11.50 -1.01 72.51
C THR A 415 -11.91 -2.14 71.58
N VAL A 416 -12.62 -1.80 70.51
CA VAL A 416 -13.04 -2.75 69.49
C VAL A 416 -12.06 -2.65 68.33
N VAL A 417 -11.72 -3.80 67.74
CA VAL A 417 -10.92 -3.85 66.53
C VAL A 417 -11.76 -4.51 65.44
N ALA A 418 -11.97 -3.79 64.35
CA ALA A 418 -12.68 -4.28 63.18
C ALA A 418 -11.67 -4.56 62.07
N ARG A 419 -11.73 -5.75 61.51
CA ARG A 419 -10.76 -6.21 60.52
C ARG A 419 -11.49 -6.78 59.31
N ASP A 420 -11.09 -6.33 58.10
CA ASP A 420 -11.66 -6.92 56.89
C ASP A 420 -10.83 -8.15 56.48
N ARG A 421 -11.29 -8.82 55.43
CA ARG A 421 -10.74 -10.09 54.98
C ARG A 421 -10.08 -10.00 53.61
N GLY A 422 -9.46 -8.86 53.31
CA GLY A 422 -8.64 -8.72 52.13
C GLY A 422 -7.20 -9.15 52.35
N GLU A 423 -6.40 -9.02 51.29
CA GLU A 423 -4.98 -9.36 51.33
C GLU A 423 -4.14 -8.24 50.71
N PRO A 424 -3.40 -7.46 51.52
CA PRO A 424 -3.27 -7.48 52.97
C PRO A 424 -4.52 -6.98 53.68
N ALA A 425 -4.81 -7.53 54.86
CA ALA A 425 -5.97 -7.12 55.62
C ALA A 425 -5.79 -5.70 56.14
N LEU A 426 -6.91 -5.06 56.44
CA LEU A 426 -6.91 -3.76 57.06
C LEU A 426 -7.82 -3.81 58.27
N SER A 427 -7.46 -3.02 59.29
CA SER A 427 -8.21 -3.01 60.53
C SER A 427 -8.23 -1.61 61.13
N THR A 428 -9.17 -1.42 62.04
CA THR A 428 -9.38 -0.13 62.68
C THR A 428 -9.75 -0.41 64.13
N SER A 429 -9.56 0.60 64.97
CA SER A 429 -9.85 0.49 66.39
C SER A 429 -10.73 1.65 66.83
N LYS A 430 -11.52 1.41 67.87
CA LYS A 430 -12.24 2.48 68.55
C LYS A 430 -12.40 2.09 70.01
N SER A 431 -12.39 3.10 70.88
CA SER A 431 -12.41 2.90 72.31
C SER A 431 -13.61 3.62 72.92
N ILE A 432 -14.07 3.11 74.06
CA ILE A 432 -15.09 3.79 74.85
C ILE A 432 -14.71 3.65 76.31
N GLN A 433 -15.18 4.59 77.12
CA GLN A 433 -14.91 4.60 78.54
C GLN A 433 -16.17 4.24 79.31
N VAL A 434 -16.05 3.23 80.16
CA VAL A 434 -17.16 2.72 80.95
C VAL A 434 -16.70 2.61 82.39
N GLN A 435 -17.60 2.90 83.33
CA GLN A 435 -17.25 2.97 84.73
C GLN A 435 -18.38 2.38 85.57
N VAL A 436 -18.01 1.83 86.74
CA VAL A 436 -18.96 1.21 87.65
C VAL A 436 -19.46 2.26 88.63
N SER A 437 -20.78 2.46 88.64
CA SER A 437 -21.42 3.39 89.58
C SER A 437 -21.18 2.97 91.02
#